data_8EF9
#
_entry.id   8EF9
#
_cell.length_a   1.00
_cell.length_b   1.00
_cell.length_c   1.00
_cell.angle_alpha   90.00
_cell.angle_beta   90.00
_cell.angle_gamma   90.00
#
_symmetry.space_group_name_H-M   'P 1'
#
loop_
_entity.id
_entity.type
_entity.pdbx_description
1 polymer 'DNA polymerase theta'
2 polymer "DNA (5'-D(*AP*GP*CP*TP*CP*TP*AP*CP*GP*GP*AP*TP*GP*C)-3')"
3 polymer "DNA (5'-D(*AP*GP*CP*AP*TP*CP*CP*GP*TP*AP*GP*(2DA))-3')"
4 non-polymer "2'-DEOXYGUANOSINE-5'-TRIPHOSPHATE"
5 non-polymer 'MAGNESIUM ION'
#
loop_
_entity_poly.entity_id
_entity_poly.type
_entity_poly.pdbx_seq_one_letter_code
_entity_poly.pdbx_strand_id
1 'polypeptide(L)'
;MGHHHHHHPSGVKTENNDHINLKVAGQDGSVVQFKIKRHTPLSKLMKAYCERQGLSMRQIRFRFDGQPINETDTPAQLEM
EDEDTIDVFQQQTGGCMDPPSDAESPVTDDGFTLQLSQDASLCPSNSGTFSIIDVASDRRLFNTFIKEWKTKERYSLALA
CEKREHIQQPEGEIGGKHKRAPAARQKLNRTDGFPVRDSDGLVLIGLSVCWGARDSYYISLQQEQSKGLSSSLAPPPLDD
DLPVSERLGQVRSCLSRPSAGLRGGVVVTYDIIQVYKTLVLSCGISLAGNCEDPKVACWLLDPGSEERTLPNMVTVYCPE
ELPLLDGLGSAHAHCPRVRAATKSVLVHAVMNHLTGLLEKDSMLDLFRSIEMPSQVCLALLELNGVGFSVEECERQKHVM
QAKLTALESQAYNLAGHSFSLTSIDDIAQVLFLELHLPPNGDVGGSKSKKTLGYTRRGGGRVRLGKQFSTTKDILEKLRP
LHPLPGVILEWRRITNALTKVVFPLQREKQYHPTLAMDRIYPIAQTHTATGRVSFTEPNIQNVPKDFEICMPTVVGESPP
SQNGCQMTTKPGKNRRSVAPSVTGGAAEQGPAFSVSMRHAFVPFSGGMILAADYSQLELRVLAHLSKDQRLLQVLNGGAD
VFRCIAAEWKGVDPETVNDSLRQQAKQICYGIIYGMGAKSLGEQMGVEENDAACYIESFKARYKGINAFLKETVKNCIKN
GYVQTLMGRRRYLPGISNTNTHIKAHAERQAVNTTVQGSAADIVKLATVNIQKRLRKTYPTAPLSHQHTHSGTSQYRAGT
SHLRGAFFVLQLHDELIYETREEDLIQVAQIVKREMESAVKLYVKLKAKVKVGPSWGNLQDLDL
;
A
2 'polydeoxyribonucleotide'
;(DG)(DC)(DA)(DG)(DT)(DC)(DA)(DG)(DC)(DT)(DC)(DT)(DA)(DC)(DG)(DG)(DA)(DT)(DG)(DC)
(DC)(DT)(DC)(DA)(DC)(DA)(DG)(DC)(DA)
;
E
3 'polydeoxyribonucleotide' (DT)(DG)(DC)(DT)(DG)(DT)(DG)(DA)(DG)(DC)(DA)(DT)(DC)(DC)(DG)(DT)(DA)(DG)(2DA) F
#
loop_
_chem_comp.id
_chem_comp.type
_chem_comp.name
_chem_comp.formula
2DA DNA linking 2',3'-DIDEOXYADENOSINE-5'-MONOPHOSPHATE 'C10 H14 N5 O5 P'
DA DNA linking 2'-DEOXYADENOSINE-5'-MONOPHOSPHATE 'C10 H14 N5 O6 P'
DC DNA linking 2'-DEOXYCYTIDINE-5'-MONOPHOSPHATE 'C9 H14 N3 O7 P'
DG DNA linking 2'-DEOXYGUANOSINE-5'-MONOPHOSPHATE 'C10 H14 N5 O7 P'
DGT non-polymer 2'-DEOXYGUANOSINE-5'-TRIPHOSPHATE 'C10 H16 N5 O13 P3'
DT DNA linking THYMIDINE-5'-MONOPHOSPHATE 'C10 H15 N2 O8 P'
MG non-polymer 'MAGNESIUM ION' 'Mg 2'
#
# COMPACT_ATOMS: atom_id res chain seq x y z
N THR A 129 26.87 -25.80 -18.37
CA THR A 129 26.51 -25.82 -16.95
C THR A 129 26.58 -24.42 -16.36
N PHE A 130 26.47 -24.33 -15.04
CA PHE A 130 26.50 -23.05 -14.33
C PHE A 130 27.84 -22.36 -14.56
N SER A 131 27.81 -21.25 -15.29
CA SER A 131 29.02 -20.52 -15.64
C SER A 131 28.92 -19.10 -15.09
N ILE A 132 30.09 -18.48 -14.89
CA ILE A 132 30.20 -17.10 -14.43
C ILE A 132 31.23 -16.42 -15.31
N ILE A 133 30.77 -15.71 -16.32
CA ILE A 133 31.66 -14.92 -17.18
C ILE A 133 31.85 -13.55 -16.54
N ASP A 134 33.10 -13.10 -16.45
CA ASP A 134 33.43 -11.80 -15.88
C ASP A 134 33.65 -10.83 -17.05
N VAL A 135 32.55 -10.23 -17.51
CA VAL A 135 32.61 -9.34 -18.66
C VAL A 135 33.39 -8.07 -18.34
N ALA A 136 33.38 -7.63 -17.08
CA ALA A 136 34.10 -6.43 -16.69
C ALA A 136 35.58 -6.75 -16.46
N SER A 137 36.20 -7.39 -17.45
CA SER A 137 37.61 -7.76 -17.38
C SER A 137 38.38 -7.43 -18.65
N ASP A 138 37.70 -7.13 -19.75
CA ASP A 138 38.34 -6.72 -21.00
C ASP A 138 37.45 -5.69 -21.68
N ARG A 139 38.07 -4.81 -22.47
CA ARG A 139 37.30 -3.80 -23.19
C ARG A 139 36.37 -4.43 -24.22
N ARG A 140 36.92 -5.29 -25.07
CA ARG A 140 36.12 -5.91 -26.12
C ARG A 140 35.04 -6.80 -25.54
N LEU A 141 35.37 -7.58 -24.50
CA LEU A 141 34.39 -8.46 -23.88
C LEU A 141 33.22 -7.65 -23.30
N PHE A 142 33.54 -6.56 -22.59
CA PHE A 142 32.48 -5.74 -22.03
C PHE A 142 31.64 -5.09 -23.12
N ASN A 143 32.27 -4.60 -24.19
CA ASN A 143 31.52 -3.95 -25.26
C ASN A 143 30.61 -4.95 -25.97
N THR A 144 31.10 -6.16 -26.23
CA THR A 144 30.27 -7.20 -26.82
C THR A 144 29.13 -7.57 -25.90
N PHE A 145 29.39 -7.65 -24.59
CA PHE A 145 28.31 -7.93 -23.66
C PHE A 145 27.25 -6.83 -23.71
N ILE A 146 27.67 -5.57 -23.79
CA ILE A 146 26.71 -4.48 -23.85
C ILE A 146 25.87 -4.55 -25.11
N LYS A 147 26.51 -4.81 -26.25
CA LYS A 147 25.76 -4.81 -27.51
C LYS A 147 24.86 -6.03 -27.63
N GLU A 148 25.21 -7.14 -26.97
CA GLU A 148 24.31 -8.28 -26.89
C GLU A 148 23.20 -8.04 -25.87
N TRP A 149 23.51 -7.32 -24.79
CA TRP A 149 22.56 -7.02 -23.73
C TRP A 149 21.44 -6.12 -24.23
N LYS A 150 21.79 -5.15 -25.09
CA LYS A 150 20.77 -4.22 -25.59
C LYS A 150 19.71 -4.95 -26.39
N THR A 151 20.10 -5.95 -27.18
CA THR A 151 19.14 -6.64 -28.05
C THR A 151 18.24 -7.58 -27.26
N LYS A 152 18.73 -8.12 -26.14
CA LYS A 152 17.97 -9.15 -25.44
C LYS A 152 16.63 -8.64 -24.97
N GLU A 153 15.57 -9.38 -25.32
CA GLU A 153 14.22 -9.00 -24.96
C GLU A 153 13.92 -9.20 -23.49
N ARG A 154 14.74 -9.99 -22.79
CA ARG A 154 14.53 -10.28 -21.38
C ARG A 154 15.80 -10.87 -20.80
N TYR A 155 16.29 -10.26 -19.73
CA TYR A 155 17.44 -10.76 -18.98
C TYR A 155 17.09 -10.74 -17.51
N SER A 156 17.94 -11.35 -16.69
CA SER A 156 17.82 -11.27 -15.24
C SER A 156 19.03 -10.55 -14.66
N LEU A 157 18.76 -9.56 -13.82
CA LEU A 157 19.78 -8.76 -13.17
C LEU A 157 19.82 -9.08 -11.68
N ALA A 158 21.04 -9.11 -11.13
CA ALA A 158 21.24 -9.31 -9.71
C ALA A 158 22.32 -8.37 -9.21
N LEU A 159 22.20 -7.97 -7.95
CA LEU A 159 23.13 -7.05 -7.32
C LEU A 159 24.08 -7.82 -6.41
N ALA A 160 25.36 -7.48 -6.45
CA ALA A 160 26.38 -8.07 -5.58
C ALA A 160 26.83 -6.98 -4.63
N CYS A 161 26.40 -7.07 -3.38
CA CYS A 161 26.68 -6.07 -2.36
C CYS A 161 27.46 -6.72 -1.22
N GLU A 162 28.71 -6.29 -1.04
CA GLU A 162 29.49 -6.62 0.16
C GLU A 162 29.22 -5.50 1.16
N LYS A 163 28.36 -5.78 2.14
CA LYS A 163 27.84 -4.73 3.01
C LYS A 163 28.66 -4.66 4.29
N ARG A 164 29.83 -4.03 4.16
CA ARG A 164 30.58 -3.58 5.33
C ARG A 164 29.93 -2.36 5.99
N GLU A 165 29.10 -1.63 5.24
CA GLU A 165 28.41 -0.45 5.75
C GLU A 165 26.94 -0.54 5.39
N HIS A 166 26.09 -0.12 6.32
CA HIS A 166 24.65 -0.14 6.10
C HIS A 166 24.05 1.26 6.25
N ASP A 198 24.18 1.54 -0.54
CA ASP A 198 24.07 3.00 -0.51
C ASP A 198 25.35 3.63 -1.05
N SER A 199 26.38 2.82 -1.24
CA SER A 199 27.63 3.28 -1.80
C SER A 199 28.05 2.38 -2.96
N ASP A 200 28.54 2.98 -4.02
CA ASP A 200 28.97 2.25 -5.20
C ASP A 200 30.46 1.97 -5.07
N GLY A 201 30.83 0.69 -5.16
CA GLY A 201 32.20 0.30 -4.94
C GLY A 201 32.61 0.22 -3.49
N LEU A 202 31.68 0.45 -2.56
CA LEU A 202 31.94 0.36 -1.14
C LEU A 202 30.90 -0.53 -0.48
N VAL A 203 29.68 -0.53 -1.01
CA VAL A 203 28.64 -1.44 -0.54
C VAL A 203 28.20 -2.28 -1.72
N LEU A 204 27.63 -1.63 -2.74
CA LEU A 204 27.30 -2.32 -3.99
C LEU A 204 28.59 -2.59 -4.76
N ILE A 205 28.86 -3.86 -5.02
CA ILE A 205 30.17 -4.27 -5.55
C ILE A 205 30.05 -4.61 -7.02
N GLY A 206 28.88 -5.06 -7.45
CA GLY A 206 28.79 -5.47 -8.84
C GLY A 206 27.39 -5.79 -9.30
N LEU A 207 27.30 -6.10 -10.59
CA LEU A 207 26.05 -6.41 -11.27
C LEU A 207 26.21 -7.71 -12.03
N SER A 208 25.20 -8.57 -11.96
CA SER A 208 25.20 -9.86 -12.65
C SER A 208 24.03 -9.90 -13.61
N VAL A 209 24.27 -10.38 -14.83
CA VAL A 209 23.25 -10.45 -15.87
C VAL A 209 23.22 -11.86 -16.42
N CYS A 210 22.01 -12.41 -16.56
CA CYS A 210 21.81 -13.78 -17.03
C CYS A 210 20.77 -13.84 -18.14
N TRP A 211 21.13 -14.51 -19.23
CA TRP A 211 20.19 -15.00 -20.22
C TRP A 211 20.17 -16.53 -20.13
N GLY A 212 19.43 -17.17 -21.02
CA GLY A 212 19.22 -18.60 -20.92
C GLY A 212 20.48 -19.46 -20.93
N ALA A 213 20.29 -20.76 -20.68
CA ALA A 213 21.33 -21.78 -20.72
C ALA A 213 22.33 -21.68 -19.56
N ARG A 214 21.86 -21.22 -18.40
CA ARG A 214 22.65 -21.27 -17.15
C ARG A 214 23.95 -20.49 -17.25
N ASP A 215 23.98 -19.41 -18.02
CA ASP A 215 25.14 -18.52 -18.10
C ASP A 215 24.81 -17.20 -17.42
N SER A 216 25.74 -16.68 -16.63
CA SER A 216 25.58 -15.41 -15.94
C SER A 216 26.80 -14.55 -16.17
N TYR A 217 26.58 -13.28 -16.48
CA TYR A 217 27.64 -12.33 -16.75
C TYR A 217 27.70 -11.35 -15.58
N TYR A 218 28.87 -11.25 -14.96
CA TYR A 218 29.05 -10.42 -13.78
C TYR A 218 29.84 -9.16 -14.17
N ILE A 219 29.26 -8.00 -13.87
CA ILE A 219 29.93 -6.72 -14.09
C ILE A 219 30.39 -6.23 -12.72
N SER A 220 31.70 -6.20 -12.51
CA SER A 220 32.25 -5.73 -11.24
C SER A 220 32.25 -4.20 -11.21
N LEU A 221 31.73 -3.64 -10.12
CA LEU A 221 31.71 -2.19 -9.92
C LEU A 221 32.87 -1.75 -9.03
N GLN A 222 34.00 -2.42 -9.15
CA GLN A 222 35.22 -2.16 -8.40
C GLN A 222 36.36 -1.86 -9.36
N GLN A 223 37.52 -1.53 -8.80
CA GLN A 223 38.72 -1.32 -9.60
C GLN A 223 39.96 -1.74 -8.82
N VAL A 244 35.53 2.10 -14.10
CA VAL A 244 34.28 2.02 -13.36
C VAL A 244 33.33 3.09 -13.85
N SER A 245 33.87 4.21 -14.32
CA SER A 245 33.04 5.28 -14.86
C SER A 245 32.35 4.83 -16.15
N GLU A 246 33.12 4.23 -17.06
CA GLU A 246 32.56 3.78 -18.33
C GLU A 246 31.70 2.53 -18.15
N ARG A 247 32.13 1.62 -17.28
CA ARG A 247 31.29 0.47 -16.94
C ARG A 247 29.91 0.92 -16.49
N LEU A 248 29.88 1.84 -15.53
CA LEU A 248 28.61 2.31 -15.00
C LEU A 248 27.85 3.13 -16.03
N GLY A 249 28.55 3.87 -16.89
CA GLY A 249 27.86 4.63 -17.92
C GLY A 249 27.14 3.73 -18.92
N GLN A 250 27.82 2.70 -19.40
CA GLN A 250 27.18 1.77 -20.33
C GLN A 250 26.09 0.94 -19.65
N VAL A 251 26.30 0.56 -18.39
CA VAL A 251 25.26 -0.17 -17.67
C VAL A 251 24.04 0.73 -17.47
N ARG A 252 24.27 2.02 -17.26
CA ARG A 252 23.16 2.97 -17.16
C ARG A 252 22.45 3.11 -18.49
N SER A 253 23.20 3.15 -19.59
CA SER A 253 22.58 3.27 -20.90
C SER A 253 21.71 2.07 -21.22
N CYS A 254 22.18 0.86 -20.91
CA CYS A 254 21.38 -0.32 -21.19
C CYS A 254 20.24 -0.48 -20.20
N LEU A 255 20.50 -0.26 -18.91
CA LEU A 255 19.48 -0.42 -17.89
C LEU A 255 18.41 0.66 -17.94
N SER A 256 18.69 1.77 -18.62
CA SER A 256 17.69 2.82 -18.82
C SER A 256 17.31 2.80 -20.29
N ARG A 257 16.23 2.07 -20.61
CA ARG A 257 15.72 1.94 -21.97
C ARG A 257 16.80 1.46 -22.94
N PRO A 258 17.13 0.16 -22.94
CA PRO A 258 18.18 -0.47 -23.77
C PRO A 258 18.19 0.00 -25.22
N GLY A 264 10.61 -4.79 -25.86
CA GLY A 264 11.37 -5.74 -25.07
C GLY A 264 12.22 -5.08 -24.00
N GLY A 265 13.44 -5.58 -23.83
CA GLY A 265 14.33 -5.06 -22.82
C GLY A 265 13.81 -5.23 -21.40
N VAL A 266 13.23 -6.38 -21.11
CA VAL A 266 12.63 -6.63 -19.80
C VAL A 266 13.71 -7.12 -18.85
N VAL A 267 13.80 -6.47 -17.70
CA VAL A 267 14.76 -6.84 -16.66
C VAL A 267 14.02 -7.58 -15.56
N VAL A 268 14.47 -8.79 -15.25
CA VAL A 268 13.89 -9.62 -14.21
C VAL A 268 14.82 -9.56 -13.01
N THR A 269 14.30 -9.10 -11.88
CA THR A 269 15.10 -9.05 -10.66
C THR A 269 14.26 -9.57 -9.51
N TYR A 270 14.90 -10.31 -8.61
CA TYR A 270 14.28 -10.65 -7.34
C TYR A 270 14.24 -9.42 -6.45
N ASP A 271 13.06 -9.12 -5.88
CA ASP A 271 12.85 -7.95 -5.03
C ASP A 271 13.16 -6.65 -5.79
N ILE A 272 12.28 -6.36 -6.76
CA ILE A 272 12.47 -5.23 -7.66
C ILE A 272 12.61 -3.92 -6.90
N ILE A 273 11.79 -3.72 -5.85
CA ILE A 273 11.87 -2.47 -5.10
C ILE A 273 13.23 -2.33 -4.44
N GLN A 274 13.71 -3.40 -3.81
CA GLN A 274 15.02 -3.37 -3.18
C GLN A 274 16.12 -3.12 -4.21
N VAL A 275 16.04 -3.79 -5.35
CA VAL A 275 17.07 -3.63 -6.38
C VAL A 275 17.07 -2.21 -6.93
N TYR A 276 15.88 -1.68 -7.24
CA TYR A 276 15.76 -0.34 -7.79
C TYR A 276 16.28 0.70 -6.80
N LYS A 277 15.86 0.58 -5.54
CA LYS A 277 16.31 1.52 -4.53
C LYS A 277 17.81 1.45 -4.32
N THR A 278 18.36 0.24 -4.27
CA THR A 278 19.81 0.09 -4.11
C THR A 278 20.56 0.71 -5.27
N LEU A 279 20.10 0.49 -6.49
CA LEU A 279 20.78 1.06 -7.65
C LEU A 279 20.74 2.58 -7.60
N VAL A 280 19.57 3.16 -7.29
CA VAL A 280 19.45 4.61 -7.24
C VAL A 280 20.35 5.19 -6.14
N LEU A 281 20.29 4.60 -4.94
CA LEU A 281 21.00 5.14 -3.80
C LEU A 281 22.49 4.84 -3.81
N SER A 282 22.95 3.94 -4.66
CA SER A 282 24.38 3.64 -4.73
C SER A 282 25.05 4.27 -5.95
N CYS A 283 24.51 4.05 -7.14
CA CYS A 283 25.15 4.54 -8.36
C CYS A 283 24.27 5.49 -9.16
N GLY A 284 23.08 5.83 -8.67
CA GLY A 284 22.21 6.73 -9.39
C GLY A 284 21.74 6.19 -10.72
N ILE A 285 21.38 4.91 -10.77
CA ILE A 285 20.86 4.26 -11.96
C ILE A 285 19.39 4.00 -11.77
N SER A 286 18.58 4.43 -12.72
CA SER A 286 17.15 4.20 -12.70
C SER A 286 16.80 3.11 -13.71
N LEU A 287 16.07 2.11 -13.27
CA LEU A 287 15.59 1.06 -14.15
C LEU A 287 14.44 1.62 -14.97
N ALA A 288 14.75 2.04 -16.20
CA ALA A 288 13.75 2.57 -17.12
C ALA A 288 13.40 1.48 -18.11
N GLY A 289 12.14 1.07 -18.13
CA GLY A 289 11.71 0.03 -19.02
C GLY A 289 10.85 -0.97 -18.30
N ASN A 290 10.67 -2.12 -18.93
CA ASN A 290 9.80 -3.15 -18.39
C ASN A 290 10.54 -4.01 -17.38
N CYS A 291 9.97 -4.13 -16.19
CA CYS A 291 10.54 -4.90 -15.11
C CYS A 291 9.66 -6.12 -14.83
N GLU A 292 10.29 -7.17 -14.35
CA GLU A 292 9.60 -8.36 -13.88
C GLU A 292 10.25 -8.81 -12.59
N ASP A 293 9.45 -9.35 -11.70
CA ASP A 293 9.97 -9.81 -10.42
C ASP A 293 9.29 -11.11 -10.06
N PRO A 294 10.05 -12.21 -9.94
CA PRO A 294 9.41 -13.50 -9.63
C PRO A 294 8.64 -13.48 -8.33
N LYS A 295 9.01 -12.61 -7.40
CA LYS A 295 8.25 -12.43 -6.18
C LYS A 295 6.83 -11.96 -6.47
N VAL A 296 6.69 -10.99 -7.38
CA VAL A 296 5.37 -10.49 -7.74
C VAL A 296 4.57 -11.56 -8.49
N ALA A 297 5.26 -12.34 -9.33
CA ALA A 297 4.57 -13.41 -10.06
C ALA A 297 4.08 -14.51 -9.13
N CYS A 298 4.92 -14.89 -8.15
CA CYS A 298 4.50 -15.90 -7.17
C CYS A 298 3.34 -15.39 -6.34
N TRP A 299 3.39 -14.13 -5.93
CA TRP A 299 2.25 -13.57 -5.21
C TRP A 299 1.00 -13.54 -6.10
N LEU A 300 1.16 -13.26 -7.38
CA LEU A 300 0.03 -13.30 -8.29
C LEU A 300 -0.59 -14.69 -8.35
N LEU A 301 0.25 -15.72 -8.50
CA LEU A 301 -0.25 -17.08 -8.67
C LEU A 301 -0.99 -17.56 -7.42
N ASP A 302 -0.49 -17.19 -6.24
CA ASP A 302 -1.16 -17.55 -4.98
C ASP A 302 -0.93 -16.44 -3.98
N PRO A 303 -1.81 -15.42 -3.96
CA PRO A 303 -1.60 -14.29 -3.05
C PRO A 303 -1.79 -14.64 -1.58
N GLY A 304 -2.54 -15.69 -1.27
CA GLY A 304 -2.74 -16.11 0.10
C GLY A 304 -1.66 -16.99 0.66
N SER A 305 -0.68 -17.36 -0.15
CA SER A 305 0.43 -18.19 0.30
C SER A 305 1.45 -17.32 1.04
N GLU A 306 2.63 -17.88 1.28
CA GLU A 306 3.69 -17.20 2.01
C GLU A 306 4.69 -16.59 1.03
N GLU A 307 5.37 -15.55 1.49
CA GLU A 307 6.43 -14.95 0.68
C GLU A 307 7.56 -15.96 0.51
N ARG A 308 7.69 -16.51 -0.69
CA ARG A 308 8.71 -17.52 -0.94
C ARG A 308 10.06 -16.84 -1.14
N THR A 309 11.09 -17.36 -0.49
CA THR A 309 12.45 -16.98 -0.82
C THR A 309 12.79 -17.53 -2.20
N LEU A 310 13.87 -17.00 -2.78
CA LEU A 310 14.31 -17.55 -4.06
C LEU A 310 14.70 -19.02 -3.95
N PRO A 311 15.50 -19.45 -2.95
CA PRO A 311 15.62 -20.89 -2.70
C PRO A 311 14.28 -21.60 -2.61
N ASN A 312 13.35 -21.05 -1.83
CA ASN A 312 12.01 -21.64 -1.73
C ASN A 312 11.36 -21.78 -3.09
N MET A 313 11.63 -20.84 -4.00
CA MET A 313 11.11 -20.95 -5.35
C MET A 313 11.76 -22.11 -6.09
N VAL A 314 13.09 -22.21 -6.00
CA VAL A 314 13.82 -23.22 -6.76
C VAL A 314 13.39 -24.62 -6.37
N THR A 315 13.22 -24.87 -5.06
CA THR A 315 12.77 -26.18 -4.63
C THR A 315 11.38 -26.51 -5.15
N VAL A 316 10.55 -25.49 -5.36
CA VAL A 316 9.14 -25.69 -5.71
C VAL A 316 8.92 -25.65 -7.21
N TYR A 317 9.43 -24.62 -7.88
CA TYR A 317 9.12 -24.38 -9.28
C TYR A 317 10.19 -24.87 -10.24
N CYS A 318 11.46 -24.83 -9.85
CA CYS A 318 12.57 -25.21 -10.73
C CYS A 318 13.48 -26.21 -10.02
N PRO A 319 12.99 -27.43 -9.79
CA PRO A 319 13.80 -28.42 -9.06
C PRO A 319 15.08 -28.81 -9.79
N GLU A 320 15.13 -28.69 -11.12
CA GLU A 320 16.33 -29.07 -11.86
C GLU A 320 17.50 -28.13 -11.60
N GLU A 321 17.26 -26.98 -10.96
CA GLU A 321 18.31 -26.05 -10.59
C GLU A 321 18.70 -26.17 -9.12
N LEU A 322 18.17 -27.17 -8.42
CA LEU A 322 18.46 -27.33 -7.00
C LEU A 322 19.94 -27.44 -6.66
N PRO A 323 20.78 -28.17 -7.43
CA PRO A 323 22.20 -28.22 -7.08
C PRO A 323 22.88 -26.87 -7.06
N LEU A 324 22.29 -25.86 -7.68
CA LEU A 324 22.88 -24.52 -7.70
C LEU A 324 22.64 -23.74 -6.43
N LEU A 325 21.72 -24.19 -5.56
CA LEU A 325 21.48 -23.49 -4.30
C LEU A 325 22.73 -23.46 -3.43
N ASP A 326 23.56 -24.50 -3.49
CA ASP A 326 24.88 -24.44 -2.89
C ASP A 326 25.74 -23.52 -3.74
N GLY A 327 25.82 -22.26 -3.34
CA GLY A 327 26.43 -21.25 -4.18
C GLY A 327 25.72 -19.91 -4.05
N LEU A 328 24.57 -19.90 -3.39
CA LEU A 328 23.97 -18.63 -2.97
C LEU A 328 24.58 -18.20 -1.65
N GLY A 329 25.92 -18.20 -1.59
CA GLY A 329 26.62 -17.91 -0.36
C GLY A 329 26.09 -18.73 0.80
N SER A 330 26.14 -18.13 1.98
CA SER A 330 25.62 -18.73 3.20
C SER A 330 25.57 -17.62 4.25
N ALA A 331 25.24 -18.00 5.48
CA ALA A 331 25.26 -17.03 6.57
C ALA A 331 26.67 -16.61 6.96
N HIS A 332 27.70 -17.33 6.49
CA HIS A 332 29.09 -17.04 6.85
C HIS A 332 29.90 -16.58 5.63
N ALA A 333 29.95 -17.39 4.57
CA ALA A 333 30.70 -17.06 3.37
C ALA A 333 29.71 -16.78 2.24
N HIS A 334 29.65 -15.52 1.82
CA HIS A 334 28.70 -15.12 0.78
C HIS A 334 29.31 -15.17 -0.62
N CYS A 335 30.51 -14.63 -0.79
CA CYS A 335 31.11 -14.44 -2.11
C CYS A 335 30.14 -13.69 -3.00
N PRO A 336 30.01 -12.37 -2.82
CA PRO A 336 28.90 -11.64 -3.45
C PRO A 336 28.81 -11.79 -4.96
N ARG A 337 29.94 -11.96 -5.65
CA ARG A 337 29.88 -12.19 -7.09
C ARG A 337 29.26 -13.53 -7.42
N VAL A 338 29.69 -14.59 -6.74
CA VAL A 338 29.13 -15.91 -6.97
C VAL A 338 27.67 -15.95 -6.54
N ARG A 339 27.36 -15.34 -5.39
CA ARG A 339 25.98 -15.29 -4.93
C ARG A 339 25.11 -14.54 -5.94
N ALA A 340 25.62 -13.44 -6.49
CA ALA A 340 24.88 -12.68 -7.48
C ALA A 340 24.62 -13.50 -8.73
N ALA A 341 25.66 -14.18 -9.23
CA ALA A 341 25.50 -14.97 -10.45
C ALA A 341 24.52 -16.12 -10.26
N THR A 342 24.62 -16.81 -9.12
CA THR A 342 23.68 -17.88 -8.82
C THR A 342 22.25 -17.34 -8.73
N LYS A 343 22.07 -16.23 -8.03
CA LYS A 343 20.74 -15.66 -7.90
C LYS A 343 20.20 -15.23 -9.25
N SER A 344 21.06 -14.69 -10.13
CA SER A 344 20.57 -14.26 -11.43
C SER A 344 20.14 -15.45 -12.28
N VAL A 345 20.93 -16.51 -12.33
CA VAL A 345 20.52 -17.66 -13.14
C VAL A 345 19.26 -18.29 -12.56
N LEU A 346 19.17 -18.36 -11.23
CA LEU A 346 17.98 -18.93 -10.61
C LEU A 346 16.75 -18.07 -10.85
N VAL A 347 16.91 -16.75 -10.82
CA VAL A 347 15.79 -15.85 -11.08
C VAL A 347 15.34 -15.97 -12.53
N HIS A 348 16.28 -16.09 -13.46
CA HIS A 348 15.93 -16.33 -14.86
C HIS A 348 15.10 -17.60 -15.02
N ALA A 349 15.57 -18.71 -14.43
CA ALA A 349 14.83 -19.96 -14.55
C ALA A 349 13.46 -19.89 -13.88
N VAL A 350 13.41 -19.33 -12.67
CA VAL A 350 12.17 -19.26 -11.92
C VAL A 350 11.16 -18.41 -12.66
N MET A 351 11.58 -17.26 -13.19
CA MET A 351 10.65 -16.42 -13.91
C MET A 351 10.24 -17.02 -15.24
N ASN A 352 11.12 -17.80 -15.88
CA ASN A 352 10.73 -18.49 -17.09
C ASN A 352 9.60 -19.48 -16.82
N HIS A 353 9.68 -20.18 -15.68
CA HIS A 353 8.59 -21.08 -15.31
C HIS A 353 7.32 -20.30 -14.92
N LEU A 354 7.48 -19.26 -14.11
CA LEU A 354 6.34 -18.49 -13.63
C LEU A 354 5.65 -17.76 -14.77
N THR A 355 6.36 -17.43 -15.85
CA THR A 355 5.73 -16.78 -17.00
C THR A 355 4.70 -17.69 -17.65
N GLY A 356 5.09 -18.95 -17.90
CA GLY A 356 4.12 -19.90 -18.41
C GLY A 356 2.99 -20.14 -17.44
N LEU A 357 3.30 -20.16 -16.13
CA LEU A 357 2.24 -20.33 -15.14
C LEU A 357 1.25 -19.16 -15.17
N LEU A 358 1.76 -17.94 -15.35
CA LEU A 358 0.90 -16.76 -15.39
C LEU A 358 0.08 -16.71 -16.67
N GLU A 359 0.69 -17.10 -17.80
CA GLU A 359 -0.07 -17.18 -19.05
C GLU A 359 -1.16 -18.23 -18.96
N LYS A 360 -0.90 -19.33 -18.26
CA LYS A 360 -1.94 -20.34 -18.05
C LYS A 360 -3.10 -19.78 -17.24
N ASP A 361 -2.80 -18.95 -16.23
CA ASP A 361 -3.83 -18.31 -15.42
C ASP A 361 -4.37 -17.04 -16.06
N SER A 362 -3.86 -16.65 -17.23
CA SER A 362 -4.26 -15.42 -17.92
C SER A 362 -4.06 -14.19 -17.05
N MET A 363 -2.87 -14.09 -16.45
CA MET A 363 -2.48 -12.96 -15.62
C MET A 363 -1.19 -12.32 -16.10
N LEU A 364 -0.81 -12.55 -17.35
CA LEU A 364 0.50 -12.16 -17.83
C LEU A 364 0.55 -10.70 -18.25
N ASP A 365 -0.43 -10.26 -19.03
CA ASP A 365 -0.47 -8.86 -19.43
C ASP A 365 -0.73 -7.95 -18.23
N LEU A 366 -1.54 -8.42 -17.30
CA LEU A 366 -1.75 -7.69 -16.05
C LEU A 366 -0.46 -7.58 -15.25
N PHE A 367 0.34 -8.65 -15.21
CA PHE A 367 1.64 -8.61 -14.56
C PHE A 367 2.55 -7.59 -15.21
N ARG A 368 2.55 -7.53 -16.54
CA ARG A 368 3.49 -6.71 -17.28
C ARG A 368 3.04 -5.27 -17.45
N SER A 369 1.73 -5.01 -17.41
CA SER A 369 1.21 -3.67 -17.67
C SER A 369 0.76 -2.93 -16.43
N ILE A 370 0.48 -3.64 -15.34
CA ILE A 370 -0.09 -3.05 -14.13
C ILE A 370 0.79 -3.31 -12.92
N GLU A 371 1.12 -4.58 -12.67
CA GLU A 371 1.71 -4.96 -11.39
C GLU A 371 3.14 -4.48 -11.26
N MET A 372 3.93 -4.63 -12.30
CA MET A 372 5.34 -4.27 -12.21
C MET A 372 5.60 -2.76 -12.30
N PRO A 373 4.93 -2.02 -13.20
CA PRO A 373 5.02 -0.56 -13.13
C PRO A 373 4.56 0.01 -11.80
N SER A 374 3.56 -0.60 -11.18
CA SER A 374 3.18 -0.19 -9.84
C SER A 374 4.28 -0.46 -8.83
N GLN A 375 5.02 -1.57 -9.00
CA GLN A 375 6.16 -1.84 -8.14
C GLN A 375 7.21 -0.75 -8.28
N VAL A 376 7.48 -0.32 -9.51
CA VAL A 376 8.46 0.75 -9.72
C VAL A 376 7.99 2.05 -9.09
N CYS A 377 6.69 2.36 -9.24
CA CYS A 377 6.13 3.55 -8.61
C CYS A 377 6.29 3.49 -7.09
N LEU A 378 6.08 2.31 -6.49
CA LEU A 378 6.20 2.18 -5.05
C LEU A 378 7.65 2.33 -4.59
N ALA A 379 8.59 1.76 -5.34
CA ALA A 379 10.00 1.97 -5.01
C ALA A 379 10.36 3.45 -5.09
N LEU A 380 9.78 4.15 -6.07
CA LEU A 380 10.07 5.56 -6.24
C LEU A 380 9.48 6.38 -5.10
N LEU A 381 8.29 5.98 -4.63
CA LEU A 381 7.73 6.54 -3.41
C LEU A 381 8.63 6.29 -2.20
N GLU A 382 9.15 5.07 -2.08
CA GLU A 382 10.02 4.73 -0.96
C GLU A 382 11.28 5.59 -0.97
N LEU A 383 11.81 5.84 -2.17
CA LEU A 383 12.93 6.77 -2.31
C LEU A 383 12.53 8.17 -1.87
N ASN A 384 11.35 8.63 -2.26
CA ASN A 384 10.94 9.99 -1.96
C ASN A 384 10.86 10.23 -0.46
N GLY A 385 10.28 9.28 0.27
CA GLY A 385 9.94 9.54 1.64
C GLY A 385 8.75 10.47 1.70
N VAL A 386 8.50 10.99 2.89
CA VAL A 386 7.50 12.02 3.09
C VAL A 386 8.08 13.03 4.08
N GLY A 387 7.94 14.31 3.75
CA GLY A 387 8.48 15.33 4.63
C GLY A 387 7.86 15.28 6.01
N PHE A 388 8.64 15.72 6.99
CA PHE A 388 8.25 15.54 8.39
C PHE A 388 8.87 16.69 9.18
N SER A 389 8.02 17.57 9.70
CA SER A 389 8.51 18.65 10.56
C SER A 389 8.67 18.10 11.98
N VAL A 390 9.92 18.06 12.45
CA VAL A 390 10.19 17.66 13.83
C VAL A 390 9.62 18.69 14.79
N GLU A 391 9.73 19.97 14.46
CA GLU A 391 9.21 21.02 15.33
C GLU A 391 7.72 20.85 15.56
N GLU A 392 6.95 20.64 14.49
CA GLU A 392 5.52 20.43 14.66
C GLU A 392 5.25 19.15 15.45
N CYS A 393 5.97 18.08 15.15
CA CYS A 393 5.79 16.84 15.91
C CYS A 393 6.15 17.03 17.37
N GLU A 394 7.21 17.78 17.65
CA GLU A 394 7.58 18.04 19.04
C GLU A 394 6.50 18.85 19.75
N ARG A 395 5.92 19.83 19.06
CA ARG A 395 4.85 20.63 19.64
C ARG A 395 3.63 19.77 19.96
N GLN A 396 3.20 18.95 18.99
CA GLN A 396 2.10 18.04 19.23
C GLN A 396 2.42 17.09 20.37
N LYS A 397 3.64 16.56 20.41
CA LYS A 397 4.04 15.63 21.45
C LYS A 397 3.99 16.28 22.83
N HIS A 398 4.48 17.51 22.95
CA HIS A 398 4.45 18.18 24.24
C HIS A 398 3.02 18.40 24.71
N VAL A 399 2.14 18.85 23.79
CA VAL A 399 0.75 19.05 24.18
C VAL A 399 0.10 17.73 24.58
N MET A 400 0.36 16.66 23.81
CA MET A 400 -0.23 15.36 24.10
C MET A 400 0.28 14.80 25.42
N GLN A 401 1.55 15.05 25.75
CA GLN A 401 2.10 14.55 27.02
C GLN A 401 1.55 15.32 28.21
N ALA A 402 1.39 16.64 28.06
CA ALA A 402 0.70 17.40 29.10
C ALA A 402 -0.73 16.89 29.27
N LYS A 403 -1.40 16.60 28.16
CA LYS A 403 -2.75 16.06 28.22
C LYS A 403 -2.77 14.69 28.87
N LEU A 404 -1.77 13.85 28.62
CA LEU A 404 -1.75 12.53 29.27
C LEU A 404 -1.49 12.65 30.77
N THR A 405 -0.64 13.59 31.18
CA THR A 405 -0.49 13.81 32.62
C THR A 405 -1.81 14.26 33.25
N ALA A 406 -2.52 15.18 32.58
CA ALA A 406 -3.81 15.59 33.10
C ALA A 406 -4.82 14.44 33.10
N LEU A 407 -4.79 13.61 32.06
CA LEU A 407 -5.70 12.47 31.97
C LEU A 407 -5.43 11.46 33.07
N GLU A 408 -4.15 11.20 33.36
CA GLU A 408 -3.80 10.31 34.46
C GLU A 408 -4.23 10.90 35.79
N SER A 409 -4.08 12.22 35.95
CA SER A 409 -4.53 12.86 37.18
C SER A 409 -6.03 12.72 37.37
N GLN A 410 -6.80 12.88 36.29
CA GLN A 410 -8.25 12.71 36.38
C GLN A 410 -8.63 11.26 36.65
N ALA A 411 -8.01 10.33 35.92
CA ALA A 411 -8.36 8.92 36.06
C ALA A 411 -8.06 8.42 37.46
N TYR A 412 -6.91 8.80 38.02
CA TYR A 412 -6.60 8.46 39.39
C TYR A 412 -7.51 9.19 40.37
N ASN A 413 -8.11 10.30 39.95
CA ASN A 413 -9.08 11.02 40.76
C ASN A 413 -10.50 10.50 40.57
N LEU A 414 -10.83 10.04 39.36
CA LEU A 414 -12.16 9.48 39.12
C LEU A 414 -12.33 8.11 39.75
N ALA A 415 -11.22 7.42 40.05
CA ALA A 415 -11.26 6.10 40.68
C ALA A 415 -10.93 6.15 42.16
N GLY A 416 -9.81 6.76 42.52
CA GLY A 416 -9.42 6.88 43.91
C GLY A 416 -7.98 6.52 44.18
N HIS A 417 -7.45 5.54 43.46
CA HIS A 417 -6.07 5.10 43.62
C HIS A 417 -5.32 5.24 42.31
N SER A 418 -4.01 5.00 42.37
CA SER A 418 -3.11 5.19 41.23
C SER A 418 -2.90 3.84 40.54
N PHE A 419 -3.91 3.44 39.77
CA PHE A 419 -3.89 2.16 39.09
C PHE A 419 -3.12 2.30 37.77
N SER A 420 -3.18 1.27 36.93
CA SER A 420 -2.47 1.26 35.66
C SER A 420 -3.48 1.45 34.52
N LEU A 421 -3.29 2.49 33.72
CA LEU A 421 -4.12 2.73 32.56
C LEU A 421 -3.73 1.88 31.35
N THR A 422 -2.53 1.29 31.37
CA THR A 422 -2.09 0.43 30.28
C THR A 422 -2.36 -1.04 30.54
N SER A 423 -2.93 -1.38 31.69
CA SER A 423 -3.20 -2.75 32.07
C SER A 423 -4.70 -3.02 31.99
N ILE A 424 -5.08 -4.01 31.18
CA ILE A 424 -6.48 -4.38 31.07
C ILE A 424 -7.01 -4.94 32.38
N ASP A 425 -6.14 -5.58 33.18
CA ASP A 425 -6.57 -6.06 34.48
C ASP A 425 -6.85 -4.92 35.44
N ASP A 426 -5.95 -3.93 35.48
CA ASP A 426 -6.14 -2.77 36.36
C ASP A 426 -7.25 -1.85 35.88
N ILE A 427 -7.75 -2.03 34.66
CA ILE A 427 -8.91 -1.29 34.17
C ILE A 427 -10.19 -2.05 34.46
N ALA A 428 -10.19 -3.36 34.18
CA ALA A 428 -11.31 -4.23 34.51
C ALA A 428 -11.54 -4.30 36.01
N GLN A 429 -10.54 -3.95 36.81
CA GLN A 429 -10.78 -3.48 38.16
C GLN A 429 -10.91 -1.97 38.10
N VAL A 430 -11.82 -1.42 38.91
CA VAL A 430 -12.33 -0.04 38.85
C VAL A 430 -13.50 0.02 37.86
N LEU A 431 -13.38 -0.61 36.71
CA LEU A 431 -14.52 -0.76 35.81
C LEU A 431 -15.20 -2.08 36.10
N PHE A 432 -16.53 -2.10 35.98
CA PHE A 432 -17.37 -3.29 36.14
C PHE A 432 -17.40 -3.82 37.57
N LEU A 433 -16.63 -3.24 38.50
CA LEU A 433 -16.60 -3.72 39.86
C LEU A 433 -17.17 -2.73 40.87
N GLU A 434 -17.45 -1.49 40.48
CA GLU A 434 -18.11 -0.54 41.37
C GLU A 434 -19.53 -0.24 40.91
N LEU A 435 -19.70 0.35 39.73
CA LEU A 435 -21.02 0.42 39.10
C LEU A 435 -20.82 0.57 37.58
N HIS A 436 -20.78 -0.55 36.88
CA HIS A 436 -20.72 -0.62 35.42
C HIS A 436 -21.40 -1.89 34.95
N LEU A 437 -21.59 -1.98 33.64
CA LEU A 437 -22.22 -3.13 33.00
C LEU A 437 -21.22 -3.82 32.09
N PRO A 438 -20.64 -4.96 32.50
CA PRO A 438 -19.67 -5.73 31.72
C PRO A 438 -20.13 -6.05 30.30
N GLN A 467 -11.80 -12.26 29.91
CA GLN A 467 -12.07 -11.54 31.15
C GLN A 467 -13.34 -10.71 31.01
N PHE A 468 -13.19 -9.39 30.99
CA PHE A 468 -14.31 -8.49 30.83
C PHE A 468 -14.27 -7.68 29.53
N SER A 469 -13.18 -7.77 28.75
CA SER A 469 -13.05 -7.12 27.45
C SER A 469 -13.20 -5.59 27.59
N THR A 470 -12.23 -5.01 28.30
CA THR A 470 -12.16 -3.55 28.43
C THR A 470 -11.61 -2.98 27.13
N THR A 471 -12.48 -2.95 26.13
CA THR A 471 -12.17 -2.48 24.79
C THR A 471 -13.04 -1.25 24.50
N LYS A 472 -13.05 -0.82 23.24
CA LYS A 472 -13.84 0.36 22.91
C LYS A 472 -15.34 0.15 23.05
N ASP A 473 -15.82 -0.97 23.62
CA ASP A 473 -17.21 -1.04 24.06
C ASP A 473 -17.49 -0.08 25.21
N ILE A 474 -16.45 0.47 25.85
CA ILE A 474 -16.64 1.50 26.86
C ILE A 474 -17.16 2.80 26.25
N LEU A 475 -17.17 2.91 24.93
CA LEU A 475 -18.00 3.92 24.27
C LEU A 475 -19.48 3.64 24.51
N GLU A 476 -19.87 2.38 24.50
CA GLU A 476 -21.27 1.98 24.61
C GLU A 476 -21.66 1.92 26.08
N LYS A 477 -22.73 2.64 26.44
CA LYS A 477 -23.44 2.53 27.72
C LYS A 477 -22.52 2.76 28.91
N LEU A 478 -21.27 3.14 28.67
CA LEU A 478 -20.32 3.52 29.71
C LEU A 478 -19.83 4.94 29.53
N ARG A 479 -19.48 5.33 28.30
CA ARG A 479 -19.17 6.72 28.01
C ARG A 479 -20.32 7.66 28.37
N PRO A 480 -21.58 7.39 28.04
CA PRO A 480 -22.68 8.25 28.50
C PRO A 480 -23.15 7.98 29.91
N LEU A 481 -22.44 7.14 30.67
CA LEU A 481 -22.80 6.84 32.05
C LEU A 481 -21.75 7.30 33.06
N HIS A 482 -20.47 7.10 32.77
CA HIS A 482 -19.39 7.50 33.67
C HIS A 482 -18.30 8.16 32.85
N PRO A 483 -17.63 9.17 33.41
CA PRO A 483 -16.61 9.90 32.64
C PRO A 483 -15.24 9.23 32.56
N LEU A 484 -14.95 8.28 33.43
CA LEU A 484 -13.67 7.59 33.36
C LEU A 484 -13.51 6.77 32.08
N PRO A 485 -14.50 6.02 31.59
CA PRO A 485 -14.33 5.36 30.28
C PRO A 485 -14.01 6.33 29.17
N GLY A 486 -14.57 7.54 29.20
CA GLY A 486 -14.16 8.56 28.23
C GLY A 486 -12.73 9.01 28.47
N VAL A 487 -12.34 9.18 29.72
CA VAL A 487 -10.96 9.57 30.03
C VAL A 487 -10.00 8.46 29.61
N ILE A 488 -10.37 7.20 29.88
CA ILE A 488 -9.52 6.08 29.48
C ILE A 488 -9.43 6.01 27.96
N LEU A 489 -10.55 6.25 27.27
CA LEU A 489 -10.55 6.24 25.81
C LEU A 489 -9.64 7.33 25.26
N GLU A 490 -9.72 8.54 25.82
CA GLU A 490 -8.85 9.63 25.37
C GLU A 490 -7.39 9.33 25.67
N TRP A 491 -7.11 8.80 26.86
CA TRP A 491 -5.74 8.41 27.21
C TRP A 491 -5.22 7.35 26.25
N ARG A 492 -6.03 6.35 25.93
CA ARG A 492 -5.62 5.30 25.01
C ARG A 492 -5.40 5.86 23.61
N ARG A 493 -6.25 6.79 23.17
CA ARG A 493 -6.09 7.35 21.83
C ARG A 493 -4.82 8.17 21.73
N ILE A 494 -4.54 9.00 22.74
CA ILE A 494 -3.32 9.80 22.73
C ILE A 494 -2.09 8.91 22.91
N THR A 495 -2.20 7.85 23.70
CA THR A 495 -1.09 6.92 23.86
C THR A 495 -0.81 6.17 22.57
N ASN A 496 -1.87 5.75 21.87
CA ASN A 496 -1.71 5.21 20.53
C ASN A 496 -0.98 6.20 19.64
N ALA A 497 -1.44 7.45 19.63
CA ALA A 497 -0.78 8.46 18.82
C ALA A 497 0.70 8.56 19.16
N LEU A 498 1.03 8.73 20.44
CA LEU A 498 2.42 8.90 20.84
C LEU A 498 3.25 7.67 20.48
N THR A 499 2.93 6.53 21.10
CA THR A 499 3.79 5.35 21.02
C THR A 499 3.77 4.67 19.65
N LYS A 500 2.77 4.92 18.81
CA LYS A 500 2.73 4.31 17.50
C LYS A 500 2.97 5.30 16.37
N VAL A 501 3.07 6.60 16.67
CA VAL A 501 3.32 7.58 15.63
C VAL A 501 4.55 8.40 15.98
N VAL A 502 4.51 9.15 17.08
CA VAL A 502 5.51 10.20 17.24
C VAL A 502 6.83 9.60 17.74
N PHE A 503 6.77 8.65 18.66
CA PHE A 503 8.00 7.97 19.07
C PHE A 503 8.60 7.18 17.93
N PRO A 504 7.84 6.36 17.17
CA PRO A 504 8.42 5.77 15.96
C PRO A 504 8.89 6.79 14.93
N LEU A 505 8.16 7.90 14.74
CA LEU A 505 8.55 8.85 13.71
C LEU A 505 9.75 9.69 14.12
N GLN A 506 9.91 9.97 15.41
CA GLN A 506 11.07 10.72 15.87
C GLN A 506 12.34 9.87 15.91
N ARG A 507 12.20 8.55 15.89
CA ARG A 507 13.37 7.68 15.76
C ARG A 507 13.58 7.19 14.34
N GLU A 508 12.54 7.17 13.52
CA GLU A 508 12.67 6.81 12.11
C GLU A 508 12.98 8.01 11.22
N LYS A 509 12.97 9.22 11.77
CA LYS A 509 13.21 10.41 10.97
C LYS A 509 14.63 10.43 10.44
N GLN A 510 14.81 11.04 9.28
CA GLN A 510 16.10 11.11 8.62
C GLN A 510 16.25 12.46 7.96
N TYR A 511 17.40 13.10 8.14
CA TYR A 511 17.61 14.44 7.60
C TYR A 511 17.99 14.35 6.12
N HIS A 512 17.17 14.95 5.27
CA HIS A 512 17.50 15.17 3.87
C HIS A 512 18.22 16.50 3.78
N PRO A 513 19.51 16.52 3.42
CA PRO A 513 20.26 17.78 3.41
C PRO A 513 19.96 18.65 2.20
N THR A 514 19.76 18.02 1.04
CA THR A 514 19.43 18.78 -0.16
C THR A 514 18.09 19.51 -0.01
N LEU A 515 17.10 18.83 0.55
CA LEU A 515 15.82 19.47 0.84
C LEU A 515 15.84 20.25 2.14
N ALA A 516 16.91 20.12 2.93
CA ALA A 516 17.05 20.83 4.20
C ALA A 516 15.85 20.57 5.12
N MET A 517 15.47 19.30 5.23
CA MET A 517 14.28 18.98 6.00
C MET A 517 14.36 17.53 6.46
N ASP A 518 13.61 17.21 7.50
CA ASP A 518 13.50 15.82 7.91
C ASP A 518 12.44 15.10 7.07
N ARG A 519 12.68 13.82 6.82
CA ARG A 519 11.74 12.99 6.06
C ARG A 519 11.67 11.61 6.70
N ILE A 520 10.55 10.94 6.44
CA ILE A 520 10.28 9.59 6.89
C ILE A 520 10.24 8.68 5.68
N TYR A 521 10.94 7.55 5.75
CA TYR A 521 11.03 6.62 4.62
C TYR A 521 10.41 5.28 4.98
N PRO A 522 9.15 5.05 4.62
CA PRO A 522 8.51 3.77 4.91
C PRO A 522 8.87 2.70 3.88
N ILE A 523 8.56 1.46 4.23
CA ILE A 523 8.84 0.29 3.39
C ILE A 523 7.51 -0.32 2.95
N ALA A 524 7.31 -0.42 1.64
CA ALA A 524 6.06 -0.96 1.10
C ALA A 524 6.01 -2.48 1.23
N GLN A 525 4.86 -2.99 1.66
CA GLN A 525 4.70 -4.43 1.87
C GLN A 525 4.35 -5.14 0.56
N THR A 526 3.17 -4.85 0.02
CA THR A 526 2.78 -5.21 -1.35
C THR A 526 2.51 -6.71 -1.56
N HIS A 527 2.82 -7.55 -0.58
CA HIS A 527 2.46 -8.97 -0.65
C HIS A 527 1.23 -9.13 0.24
N THR A 528 0.07 -8.99 -0.39
CA THR A 528 -1.19 -8.76 0.32
C THR A 528 -2.24 -9.72 -0.23
N ALA A 529 -3.18 -10.08 0.65
CA ALA A 529 -4.24 -11.01 0.27
C ALA A 529 -5.10 -10.47 -0.87
N THR A 530 -5.19 -9.16 -1.00
CA THR A 530 -6.18 -8.55 -1.88
C THR A 530 -5.57 -7.57 -2.88
N GLY A 531 -4.25 -7.49 -2.98
CA GLY A 531 -3.62 -6.58 -3.91
C GLY A 531 -3.37 -5.18 -3.40
N ARG A 532 -3.69 -4.92 -2.14
CA ARG A 532 -3.43 -3.63 -1.53
C ARG A 532 -1.94 -3.45 -1.23
N VAL A 533 -1.59 -2.23 -0.83
CA VAL A 533 -0.23 -1.88 -0.47
C VAL A 533 -0.24 -1.32 0.94
N SER A 534 0.59 -1.89 1.82
CA SER A 534 0.78 -1.38 3.16
C SER A 534 2.25 -1.02 3.37
N PHE A 535 2.55 -0.48 4.54
CA PHE A 535 3.89 0.00 4.85
C PHE A 535 4.30 -0.45 6.23
N THR A 536 5.61 -0.54 6.44
CA THR A 536 6.18 -1.26 7.58
C THR A 536 6.83 -0.35 8.61
N GLU A 537 7.83 0.44 8.23
CA GLU A 537 8.75 0.97 9.24
C GLU A 537 8.06 1.94 10.19
N PRO A 538 7.49 3.06 9.74
CA PRO A 538 6.64 3.86 10.63
C PRO A 538 5.17 3.49 10.58
N ASN A 539 4.74 2.71 9.58
CA ASN A 539 3.34 2.45 9.31
C ASN A 539 2.59 3.77 9.10
N ILE A 540 3.01 4.46 8.03
CA ILE A 540 2.57 5.83 7.75
C ILE A 540 1.09 5.87 7.40
N GLN A 541 0.57 4.83 6.75
CA GLN A 541 -0.82 4.84 6.31
C GLN A 541 -1.79 4.99 7.48
N ASN A 542 -1.44 4.44 8.65
CA ASN A 542 -2.31 4.46 9.80
C ASN A 542 -2.08 5.67 10.70
N VAL A 543 -1.46 6.72 10.18
CA VAL A 543 -1.30 7.95 10.96
C VAL A 543 -2.67 8.54 11.24
N PRO A 544 -3.01 8.84 12.49
CA PRO A 544 -4.37 9.26 12.81
C PRO A 544 -4.74 10.58 12.16
N LYS A 545 -6.04 10.75 11.93
CA LYS A 545 -6.59 12.01 11.51
C LYS A 545 -6.73 12.94 12.72
N ASP A 546 -7.15 14.17 12.47
CA ASP A 546 -7.17 15.19 13.52
C ASP A 546 -8.17 14.82 14.61
N PHE A 547 -7.82 15.12 15.86
CA PHE A 547 -8.78 15.02 16.95
C PHE A 547 -8.47 16.08 18.00
N GLU A 548 -9.48 16.44 18.79
CA GLU A 548 -9.42 17.63 19.63
C GLU A 548 -9.07 17.28 21.07
N ILE A 549 -8.08 17.99 21.62
CA ILE A 549 -7.80 18.03 23.05
C ILE A 549 -8.43 19.29 23.64
N CYS A 550 -9.10 19.12 24.78
CA CYS A 550 -9.48 20.22 25.63
C CYS A 550 -8.45 20.35 26.75
N MET A 551 -8.03 21.59 27.02
CA MET A 551 -7.03 21.83 28.05
C MET A 551 -7.61 22.62 29.21
N ALA A 592 -9.20 24.93 22.07
CA ALA A 592 -9.11 23.48 21.91
C ALA A 592 -7.97 23.10 20.96
N PHE A 593 -6.98 22.42 21.49
CA PHE A 593 -5.86 21.97 20.67
C PHE A 593 -6.31 20.92 19.68
N SER A 594 -5.66 20.90 18.51
CA SER A 594 -5.98 19.94 17.46
C SER A 594 -4.77 19.06 17.22
N VAL A 595 -4.82 17.83 17.71
CA VAL A 595 -3.80 16.84 17.38
C VAL A 595 -3.97 16.47 15.92
N SER A 596 -3.04 16.91 15.09
CA SER A 596 -2.99 16.60 13.67
C SER A 596 -1.64 15.96 13.43
N MET A 597 -1.57 14.64 13.57
CA MET A 597 -0.33 13.93 13.25
C MET A 597 0.04 14.10 11.79
N ARG A 598 -0.96 14.35 10.92
CA ARG A 598 -0.69 14.58 9.51
C ARG A 598 -0.15 15.97 9.24
N HIS A 599 -0.41 16.92 10.15
CA HIS A 599 0.13 18.27 10.01
C HIS A 599 1.64 18.30 10.14
N ALA A 600 2.24 17.25 10.72
CA ALA A 600 3.68 17.14 10.78
C ALA A 600 4.27 16.71 9.44
N PHE A 601 3.46 16.26 8.50
CA PHE A 601 3.93 15.80 7.21
C PHE A 601 3.83 16.93 6.21
N VAL A 602 4.97 17.38 5.73
CA VAL A 602 5.07 18.68 5.06
C VAL A 602 5.84 18.52 3.75
N PRO A 603 5.62 19.38 2.78
CA PRO A 603 6.44 19.38 1.57
C PRO A 603 7.74 20.14 1.81
N PHE A 604 8.61 20.10 0.79
CA PHE A 604 9.80 20.93 0.80
C PHE A 604 9.40 22.41 0.83
N SER A 605 10.39 23.26 1.03
CA SER A 605 10.16 24.70 1.07
C SER A 605 9.64 25.18 -0.28
N GLY A 606 8.62 26.02 -0.25
CA GLY A 606 7.96 26.44 -1.46
C GLY A 606 7.14 25.38 -2.13
N GLY A 607 6.73 24.36 -1.38
CA GLY A 607 6.03 23.22 -1.94
C GLY A 607 4.64 23.04 -1.40
N MET A 608 3.84 22.23 -2.07
CA MET A 608 2.46 22.00 -1.69
C MET A 608 2.20 20.50 -1.65
N ILE A 609 1.34 20.08 -0.74
CA ILE A 609 0.82 18.72 -0.72
C ILE A 609 -0.41 18.66 -1.62
N LEU A 610 -0.42 17.69 -2.53
CA LEU A 610 -1.56 17.42 -3.40
C LEU A 610 -2.04 16.00 -3.13
N ALA A 611 -3.28 15.89 -2.69
CA ALA A 611 -3.90 14.62 -2.34
C ALA A 611 -5.13 14.41 -3.22
N ALA A 612 -5.13 13.36 -4.03
CA ALA A 612 -6.27 13.05 -4.88
C ALA A 612 -6.86 11.72 -4.47
N ASP A 613 -7.97 11.71 -3.89
CA ASP A 613 -8.78 10.55 -3.49
C ASP A 613 -9.86 10.14 -4.52
N TYR A 614 -10.12 8.82 -4.54
CA TYR A 614 -11.21 8.27 -5.34
C TYR A 614 -12.52 8.40 -4.58
N SER A 615 -13.48 9.10 -5.18
CA SER A 615 -14.79 9.27 -4.56
C SER A 615 -15.50 7.93 -4.53
N GLN A 616 -15.86 7.48 -3.33
CA GLN A 616 -16.64 6.27 -3.09
C GLN A 616 -16.27 5.15 -4.06
N LEU A 617 -14.99 4.79 -4.02
CA LEU A 617 -14.37 4.01 -5.08
C LEU A 617 -15.00 2.62 -5.21
N GLU A 618 -15.08 1.87 -4.10
CA GLU A 618 -15.54 0.50 -4.24
C GLU A 618 -17.03 0.42 -4.52
N LEU A 619 -17.80 1.43 -4.15
CA LEU A 619 -19.17 1.51 -4.63
C LEU A 619 -19.21 1.54 -6.15
N ARG A 620 -18.39 2.39 -6.76
CA ARG A 620 -18.38 2.49 -8.22
C ARG A 620 -17.89 1.19 -8.85
N VAL A 621 -16.85 0.59 -8.28
CA VAL A 621 -16.32 -0.67 -8.81
C VAL A 621 -17.37 -1.77 -8.71
N LEU A 622 -18.08 -1.85 -7.58
CA LEU A 622 -19.10 -2.86 -7.41
C LEU A 622 -20.29 -2.59 -8.32
N ALA A 623 -20.65 -1.33 -8.54
CA ALA A 623 -21.70 -1.00 -9.47
C ALA A 623 -21.34 -1.44 -10.87
N HIS A 624 -20.07 -1.29 -11.25
CA HIS A 624 -19.65 -1.75 -12.57
C HIS A 624 -19.68 -3.28 -12.66
N LEU A 625 -19.10 -3.95 -11.66
CA LEU A 625 -19.00 -5.41 -11.71
C LEU A 625 -20.37 -6.07 -11.67
N SER A 626 -21.25 -5.58 -10.79
CA SER A 626 -22.61 -6.08 -10.69
C SER A 626 -23.51 -5.57 -11.81
N LYS A 627 -23.09 -4.51 -12.51
CA LYS A 627 -23.92 -3.84 -13.51
C LYS A 627 -25.24 -3.37 -12.92
N ASP A 628 -25.23 -3.04 -11.63
CA ASP A 628 -26.46 -2.63 -10.96
C ASP A 628 -26.98 -1.33 -11.56
N GLN A 629 -28.09 -1.42 -12.28
CA GLN A 629 -28.59 -0.28 -13.05
C GLN A 629 -28.97 0.88 -12.12
N ARG A 630 -29.58 0.56 -10.97
CA ARG A 630 -29.96 1.61 -10.03
C ARG A 630 -28.73 2.35 -9.52
N LEU A 631 -27.72 1.61 -9.06
CA LEU A 631 -26.50 2.24 -8.58
C LEU A 631 -25.79 2.97 -9.71
N LEU A 632 -25.80 2.41 -10.92
CA LEU A 632 -25.17 3.07 -12.06
C LEU A 632 -25.77 4.43 -12.32
N GLN A 633 -27.10 4.50 -12.41
CA GLN A 633 -27.75 5.79 -12.69
C GLN A 633 -27.66 6.72 -11.49
N VAL A 634 -27.64 6.19 -10.26
CA VAL A 634 -27.56 7.06 -9.09
C VAL A 634 -26.20 7.73 -9.03
N LEU A 635 -25.12 6.97 -9.19
CA LEU A 635 -23.79 7.54 -9.02
C LEU A 635 -23.19 8.05 -10.33
N ASN A 636 -23.89 7.91 -11.45
CA ASN A 636 -23.50 8.61 -12.66
C ASN A 636 -24.11 10.00 -12.75
N GLY A 637 -25.01 10.34 -11.84
CA GLY A 637 -25.60 11.67 -11.80
C GLY A 637 -24.96 12.54 -10.74
N GLY A 638 -23.78 12.14 -10.28
CA GLY A 638 -23.05 12.89 -9.28
C GLY A 638 -23.56 12.76 -7.86
N ALA A 639 -24.41 11.78 -7.58
CA ALA A 639 -24.92 11.61 -6.23
C ALA A 639 -23.86 11.01 -5.31
N ASP A 640 -24.00 11.29 -4.02
CA ASP A 640 -23.16 10.70 -2.98
C ASP A 640 -24.01 9.67 -2.24
N VAL A 641 -23.75 8.39 -2.53
CA VAL A 641 -24.54 7.32 -1.94
C VAL A 641 -24.35 7.28 -0.43
N PHE A 642 -23.14 7.54 0.05
CA PHE A 642 -22.91 7.57 1.49
C PHE A 642 -23.73 8.67 2.15
N ARG A 643 -23.78 9.84 1.54
CA ARG A 643 -24.59 10.93 2.06
C ARG A 643 -26.07 10.55 2.10
N CYS A 644 -26.56 9.91 1.03
CA CYS A 644 -27.98 9.56 0.99
C CYS A 644 -28.30 8.46 1.98
N ILE A 645 -27.40 7.49 2.17
CA ILE A 645 -27.60 6.47 3.20
C ILE A 645 -27.66 7.11 4.57
N ALA A 646 -26.73 8.05 4.84
CA ALA A 646 -26.73 8.73 6.13
C ALA A 646 -28.02 9.53 6.33
N ALA A 647 -28.49 10.19 5.27
CA ALA A 647 -29.71 10.99 5.37
C ALA A 647 -30.92 10.11 5.62
N GLU A 648 -31.11 9.06 4.82
CA GLU A 648 -32.27 8.19 4.99
C GLU A 648 -32.22 7.45 6.31
N TRP A 649 -31.02 7.21 6.85
CA TRP A 649 -30.89 6.58 8.16
C TRP A 649 -31.24 7.55 9.28
N LYS A 650 -30.77 8.80 9.19
CA LYS A 650 -31.00 9.79 10.23
C LYS A 650 -32.19 10.70 9.94
N GLY A 651 -32.78 10.62 8.76
CA GLY A 651 -33.90 11.48 8.41
C GLY A 651 -33.53 12.92 8.17
N VAL A 652 -32.25 13.27 8.22
CA VAL A 652 -31.79 14.65 8.05
C VAL A 652 -31.66 14.96 6.56
N ASP A 653 -31.49 16.23 6.24
CA ASP A 653 -31.22 16.63 4.86
C ASP A 653 -29.86 16.08 4.43
N PRO A 654 -29.74 15.58 3.20
CA PRO A 654 -28.44 15.07 2.74
C PRO A 654 -27.34 16.11 2.74
N GLU A 655 -27.66 17.38 2.50
CA GLU A 655 -26.62 18.40 2.45
C GLU A 655 -26.04 18.69 3.82
N THR A 656 -26.81 18.44 4.88
CA THR A 656 -26.35 18.66 6.26
C THR A 656 -25.73 17.42 6.88
N VAL A 657 -25.16 16.54 6.08
CA VAL A 657 -24.53 15.32 6.58
C VAL A 657 -23.10 15.63 6.99
N ASN A 658 -22.79 15.34 8.24
CA ASN A 658 -21.44 15.53 8.77
C ASN A 658 -20.47 14.56 8.10
N ASP A 659 -19.18 14.87 8.21
CA ASP A 659 -18.18 13.97 7.65
C ASP A 659 -18.05 12.70 8.50
N SER A 660 -18.22 12.82 9.82
CA SER A 660 -18.19 11.63 10.66
C SER A 660 -19.45 10.79 10.45
N LEU A 661 -20.60 11.45 10.28
CA LEU A 661 -21.83 10.72 9.98
C LEU A 661 -21.72 9.99 8.66
N ARG A 662 -21.03 10.60 7.70
CA ARG A 662 -20.78 9.96 6.41
C ARG A 662 -19.86 8.76 6.55
N GLN A 663 -18.94 8.79 7.52
CA GLN A 663 -18.06 7.65 7.76
C GLN A 663 -18.84 6.44 8.27
N GLN A 664 -19.81 6.67 9.16
CA GLN A 664 -20.62 5.56 9.65
C GLN A 664 -21.50 4.99 8.54
N ALA A 665 -22.08 5.85 7.71
CA ALA A 665 -22.87 5.37 6.57
C ALA A 665 -22.00 4.59 5.59
N LYS A 666 -20.78 5.06 5.34
CA LYS A 666 -19.85 4.34 4.48
C LYS A 666 -19.52 2.97 5.05
N GLN A 667 -19.26 2.90 6.36
CA GLN A 667 -18.96 1.64 6.99
C GLN A 667 -20.14 0.68 6.91
N ILE A 668 -21.35 1.19 7.15
CA ILE A 668 -22.56 0.37 7.07
C ILE A 668 -22.72 -0.20 5.66
N CYS A 669 -22.57 0.66 4.66
CA CYS A 669 -22.74 0.20 3.27
C CYS A 669 -21.70 -0.86 2.90
N TYR A 670 -20.43 -0.61 3.21
CA TYR A 670 -19.40 -1.57 2.84
C TYR A 670 -19.51 -2.86 3.64
N GLY A 671 -19.84 -2.77 4.93
CA GLY A 671 -20.08 -3.97 5.70
C GLY A 671 -21.21 -4.80 5.15
N ILE A 672 -22.32 -4.16 4.79
CA ILE A 672 -23.45 -4.90 4.21
C ILE A 672 -23.03 -5.58 2.92
N ILE A 673 -22.31 -4.86 2.07
CA ILE A 673 -21.85 -5.44 0.81
C ILE A 673 -20.95 -6.65 1.08
N TYR A 674 -20.14 -6.57 2.14
CA TYR A 674 -19.11 -7.57 2.40
C TYR A 674 -19.53 -8.59 3.47
N GLY A 675 -20.82 -8.85 3.60
CA GLY A 675 -21.27 -9.98 4.38
C GLY A 675 -21.54 -9.73 5.85
N MET A 676 -21.69 -8.48 6.26
CA MET A 676 -21.96 -8.19 7.67
C MET A 676 -23.35 -8.71 8.05
N GLY A 677 -23.43 -9.32 9.23
CA GLY A 677 -24.67 -9.88 9.70
C GLY A 677 -25.60 -8.85 10.33
N ALA A 678 -26.76 -9.34 10.77
CA ALA A 678 -27.74 -8.47 11.41
C ALA A 678 -27.28 -8.01 12.78
N LYS A 679 -26.53 -8.84 13.50
CA LYS A 679 -26.10 -8.45 14.85
C LYS A 679 -25.05 -7.33 14.78
N SER A 680 -24.04 -7.49 13.94
CA SER A 680 -23.04 -6.44 13.79
C SER A 680 -23.65 -5.16 13.22
N LEU A 681 -24.58 -5.29 12.29
CA LEU A 681 -25.26 -4.10 11.76
C LEU A 681 -26.05 -3.40 12.83
N GLY A 682 -26.73 -4.18 13.70
CA GLY A 682 -27.43 -3.57 14.81
C GLY A 682 -26.50 -2.83 15.74
N GLU A 683 -25.33 -3.41 16.02
CA GLU A 683 -24.35 -2.70 16.85
C GLU A 683 -23.90 -1.40 16.20
N GLN A 684 -23.47 -1.48 14.93
CA GLN A 684 -22.92 -0.31 14.24
C GLN A 684 -23.99 0.71 13.86
N MET A 685 -25.26 0.36 13.98
CA MET A 685 -26.35 1.22 13.54
C MET A 685 -27.26 1.66 14.67
N GLY A 686 -27.31 0.94 15.78
CA GLY A 686 -28.20 1.24 16.87
C GLY A 686 -29.55 0.56 16.80
N VAL A 687 -29.89 -0.02 15.65
CA VAL A 687 -31.18 -0.68 15.46
C VAL A 687 -31.13 -2.07 16.07
N GLU A 688 -32.29 -2.72 16.18
CA GLU A 688 -32.37 -4.05 16.76
C GLU A 688 -31.84 -5.08 15.77
N GLU A 689 -31.94 -6.36 16.18
CA GLU A 689 -31.55 -7.46 15.31
C GLU A 689 -32.45 -7.54 14.08
N ASN A 690 -33.77 -7.55 14.30
CA ASN A 690 -34.71 -7.67 13.20
C ASN A 690 -34.66 -6.44 12.31
N ASP A 691 -34.48 -5.26 12.90
CA ASP A 691 -34.40 -4.04 12.10
C ASP A 691 -33.18 -4.06 11.19
N ALA A 692 -32.03 -4.52 11.70
CA ALA A 692 -30.84 -4.62 10.87
C ALA A 692 -31.01 -5.68 9.79
N ALA A 693 -31.66 -6.81 10.12
CA ALA A 693 -31.91 -7.82 9.11
C ALA A 693 -32.80 -7.29 8.00
N CYS A 694 -33.87 -6.57 8.36
CA CYS A 694 -34.74 -5.96 7.36
C CYS A 694 -34.02 -4.90 6.56
N TYR A 695 -33.08 -4.18 7.19
CA TYR A 695 -32.29 -3.20 6.46
C TYR A 695 -31.42 -3.86 5.40
N ILE A 696 -30.79 -4.98 5.76
CA ILE A 696 -29.99 -5.71 4.77
C ILE A 696 -30.87 -6.25 3.67
N GLU A 697 -32.07 -6.74 4.02
CA GLU A 697 -33.00 -7.24 3.00
C GLU A 697 -33.39 -6.13 2.03
N SER A 698 -33.70 -4.94 2.56
CA SER A 698 -34.04 -3.81 1.70
C SER A 698 -32.85 -3.38 0.84
N PHE A 699 -31.65 -3.41 1.42
CA PHE A 699 -30.45 -3.05 0.67
C PHE A 699 -30.26 -3.99 -0.51
N LYS A 700 -30.46 -5.29 -0.30
CA LYS A 700 -30.28 -6.23 -1.40
C LYS A 700 -31.45 -6.18 -2.38
N ALA A 701 -32.64 -5.81 -1.91
CA ALA A 701 -33.81 -5.77 -2.78
C ALA A 701 -33.77 -4.56 -3.72
N ARG A 702 -33.36 -3.39 -3.20
CA ARG A 702 -33.32 -2.22 -4.07
C ARG A 702 -32.10 -2.23 -4.99
N TYR A 703 -30.99 -2.80 -4.54
CA TYR A 703 -29.83 -3.02 -5.40
C TYR A 703 -29.81 -4.50 -5.78
N LYS A 704 -30.68 -4.86 -6.73
CA LYS A 704 -30.83 -6.26 -7.12
C LYS A 704 -29.57 -6.81 -7.78
N GLY A 705 -28.94 -6.00 -8.64
CA GLY A 705 -27.72 -6.44 -9.27
C GLY A 705 -26.61 -6.73 -8.28
N ILE A 706 -26.62 -6.02 -7.15
CA ILE A 706 -25.62 -6.26 -6.11
C ILE A 706 -25.79 -7.65 -5.52
N ASN A 707 -27.03 -8.01 -5.16
CA ASN A 707 -27.29 -9.34 -4.63
C ASN A 707 -26.98 -10.42 -5.66
N ALA A 708 -27.34 -10.19 -6.92
CA ALA A 708 -27.03 -11.16 -7.97
C ALA A 708 -25.52 -11.34 -8.10
N PHE A 709 -24.77 -10.25 -8.02
CA PHE A 709 -23.31 -10.34 -8.11
C PHE A 709 -22.73 -11.07 -6.92
N LEU A 710 -23.26 -10.83 -5.71
CA LEU A 710 -22.78 -11.56 -4.54
C LEU A 710 -22.99 -13.06 -4.72
N LYS A 711 -24.20 -13.45 -5.09
CA LYS A 711 -24.52 -14.87 -5.27
C LYS A 711 -23.66 -15.48 -6.37
N GLU A 712 -23.49 -14.78 -7.49
CA GLU A 712 -22.72 -15.31 -8.61
C GLU A 712 -21.24 -15.42 -8.26
N THR A 713 -20.72 -14.45 -7.50
CA THR A 713 -19.32 -14.52 -7.09
C THR A 713 -19.08 -15.72 -6.19
N VAL A 714 -19.96 -15.95 -5.21
CA VAL A 714 -19.80 -17.11 -4.35
C VAL A 714 -19.95 -18.41 -5.14
N LYS A 715 -20.95 -18.46 -6.04
CA LYS A 715 -21.17 -19.66 -6.84
C LYS A 715 -19.99 -19.98 -7.72
N ASN A 716 -19.41 -18.96 -8.37
CA ASN A 716 -18.26 -19.18 -9.23
C ASN A 716 -17.01 -19.50 -8.41
N CYS A 717 -16.90 -18.99 -7.19
CA CYS A 717 -15.80 -19.38 -6.32
C CYS A 717 -15.90 -20.86 -5.96
N ILE A 718 -17.11 -21.33 -5.64
CA ILE A 718 -17.30 -22.75 -5.38
C ILE A 718 -16.98 -23.57 -6.61
N LYS A 719 -17.42 -23.11 -7.77
CA LYS A 719 -17.24 -23.88 -9.00
C LYS A 719 -15.79 -23.89 -9.47
N ASN A 720 -15.02 -22.84 -9.15
CA ASN A 720 -13.65 -22.72 -9.63
C ASN A 720 -12.60 -22.84 -8.53
N GLY A 721 -12.97 -22.63 -7.26
CA GLY A 721 -12.00 -22.63 -6.19
C GLY A 721 -11.31 -21.29 -5.97
N TYR A 722 -11.67 -20.26 -6.73
CA TYR A 722 -11.02 -18.96 -6.63
C TYR A 722 -12.01 -17.88 -7.02
N VAL A 723 -11.61 -16.64 -6.75
CA VAL A 723 -12.30 -15.47 -7.25
C VAL A 723 -11.34 -14.65 -8.09
N GLN A 724 -11.91 -13.79 -8.93
CA GLN A 724 -11.16 -12.99 -9.88
C GLN A 724 -11.55 -11.53 -9.77
N THR A 725 -10.57 -10.64 -9.86
CA THR A 725 -10.78 -9.21 -9.81
C THR A 725 -11.15 -8.69 -11.21
N LEU A 726 -11.40 -7.39 -11.28
CA LEU A 726 -11.78 -6.76 -12.55
C LEU A 726 -10.71 -6.95 -13.61
N MET A 727 -9.44 -6.99 -13.21
CA MET A 727 -8.34 -7.07 -14.16
C MET A 727 -7.63 -8.42 -14.13
N GLY A 728 -8.25 -9.44 -13.55
CA GLY A 728 -7.83 -10.81 -13.75
C GLY A 728 -7.03 -11.45 -12.63
N ARG A 729 -6.82 -10.75 -11.52
CA ARG A 729 -6.08 -11.33 -10.39
C ARG A 729 -6.96 -12.32 -9.66
N ARG A 730 -6.41 -13.48 -9.33
CA ARG A 730 -7.15 -14.56 -8.69
C ARG A 730 -6.72 -14.73 -7.25
N ARG A 731 -7.68 -15.07 -6.40
CA ARG A 731 -7.39 -15.49 -5.04
C ARG A 731 -8.08 -16.83 -4.79
N TYR A 732 -7.32 -17.78 -4.24
CA TYR A 732 -7.83 -19.12 -3.99
C TYR A 732 -8.38 -19.20 -2.58
N LEU A 733 -9.58 -19.72 -2.45
CA LEU A 733 -10.29 -19.82 -1.17
C LEU A 733 -10.74 -21.25 -0.99
N PRO A 734 -9.82 -22.15 -0.58
CA PRO A 734 -10.21 -23.55 -0.40
C PRO A 734 -11.31 -23.74 0.64
N GLY A 735 -11.45 -22.81 1.58
CA GLY A 735 -12.50 -22.88 2.57
C GLY A 735 -13.89 -22.61 2.02
N ILE A 736 -13.99 -22.27 0.74
CA ILE A 736 -15.30 -22.02 0.13
C ILE A 736 -16.13 -23.30 0.12
N SER A 737 -15.47 -24.46 0.12
CA SER A 737 -16.12 -25.75 0.10
C SER A 737 -15.96 -26.51 1.41
N ASN A 738 -15.51 -25.84 2.47
CA ASN A 738 -15.33 -26.51 3.75
C ASN A 738 -16.68 -26.93 4.31
N THR A 739 -16.71 -28.11 4.95
CA THR A 739 -17.96 -28.60 5.53
C THR A 739 -18.37 -27.75 6.73
N ASN A 740 -17.38 -27.29 7.51
CA ASN A 740 -17.68 -26.38 8.61
C ASN A 740 -18.25 -25.09 8.08
N THR A 741 -19.36 -24.65 8.67
CA THR A 741 -20.10 -23.51 8.14
C THR A 741 -19.35 -22.20 8.37
N HIS A 742 -18.60 -22.10 9.46
CA HIS A 742 -17.88 -20.87 9.76
C HIS A 742 -16.78 -20.59 8.73
N ILE A 743 -15.97 -21.61 8.41
CA ILE A 743 -14.93 -21.44 7.40
C ILE A 743 -15.55 -21.18 6.03
N LYS A 744 -16.65 -21.85 5.72
CA LYS A 744 -17.32 -21.63 4.43
C LYS A 744 -17.81 -20.19 4.31
N ALA A 745 -18.47 -19.69 5.35
CA ALA A 745 -18.98 -18.33 5.32
C ALA A 745 -17.84 -17.31 5.29
N HIS A 746 -16.76 -17.58 6.02
CA HIS A 746 -15.60 -16.70 5.98
C HIS A 746 -15.02 -16.64 4.57
N ALA A 747 -14.98 -17.77 3.89
CA ALA A 747 -14.46 -17.78 2.51
C ALA A 747 -15.40 -17.08 1.56
N GLU A 748 -16.71 -17.18 1.77
CA GLU A 748 -17.66 -16.44 0.92
C GLU A 748 -17.50 -14.93 1.09
N ARG A 749 -17.37 -14.48 2.34
CA ARG A 749 -17.13 -13.07 2.59
C ARG A 749 -15.82 -12.61 1.97
N GLN A 750 -14.76 -13.41 2.14
CA GLN A 750 -13.49 -13.08 1.51
C GLN A 750 -13.60 -13.09 -0.01
N ALA A 751 -14.46 -13.95 -0.57
CA ALA A 751 -14.62 -14.00 -2.02
C ALA A 751 -15.19 -12.69 -2.55
N VAL A 752 -16.31 -12.24 -1.98
CA VAL A 752 -16.91 -10.99 -2.43
C VAL A 752 -15.96 -9.83 -2.19
N ASN A 753 -15.39 -9.77 -0.98
CA ASN A 753 -14.51 -8.66 -0.65
C ASN A 753 -13.28 -8.63 -1.53
N THR A 754 -12.68 -9.80 -1.78
CA THR A 754 -11.49 -9.84 -2.62
C THR A 754 -11.81 -9.41 -4.04
N THR A 755 -12.94 -9.87 -4.58
CA THR A 755 -13.35 -9.39 -5.90
C THR A 755 -13.35 -7.86 -5.94
N VAL A 756 -14.17 -7.23 -5.08
CA VAL A 756 -14.36 -5.78 -5.21
C VAL A 756 -13.11 -5.02 -4.81
N GLN A 757 -12.49 -5.38 -3.68
CA GLN A 757 -11.35 -4.66 -3.16
C GLN A 757 -10.11 -4.87 -4.03
N GLY A 758 -9.90 -6.07 -4.56
CA GLY A 758 -8.82 -6.29 -5.48
C GLY A 758 -9.01 -5.54 -6.79
N SER A 759 -10.26 -5.44 -7.27
CA SER A 759 -10.52 -4.62 -8.43
C SER A 759 -10.21 -3.15 -8.16
N ALA A 760 -10.60 -2.65 -6.99
CA ALA A 760 -10.28 -1.28 -6.63
C ALA A 760 -8.78 -1.06 -6.52
N ALA A 761 -8.06 -2.01 -5.93
CA ALA A 761 -6.61 -1.92 -5.86
C ALA A 761 -5.99 -1.92 -7.25
N ASP A 762 -6.54 -2.73 -8.16
CA ASP A 762 -6.05 -2.74 -9.53
C ASP A 762 -6.25 -1.38 -10.20
N ILE A 763 -7.42 -0.78 -10.01
CA ILE A 763 -7.71 0.53 -10.59
C ILE A 763 -6.77 1.58 -10.01
N VAL A 764 -6.52 1.51 -8.70
CA VAL A 764 -5.64 2.49 -8.06
C VAL A 764 -4.21 2.35 -8.55
N LYS A 765 -3.73 1.12 -8.70
CA LYS A 765 -2.38 0.91 -9.23
C LYS A 765 -2.28 1.41 -10.66
N LEU A 766 -3.31 1.15 -11.47
CA LEU A 766 -3.33 1.66 -12.83
C LEU A 766 -3.31 3.19 -12.84
N ALA A 767 -4.08 3.81 -11.96
CA ALA A 767 -4.10 5.26 -11.87
C ALA A 767 -2.74 5.80 -11.47
N THR A 768 -2.08 5.16 -10.50
CA THR A 768 -0.74 5.56 -10.10
C THR A 768 0.22 5.49 -11.28
N VAL A 769 0.16 4.40 -12.04
CA VAL A 769 1.06 4.24 -13.18
C VAL A 769 0.80 5.30 -14.25
N ASN A 770 -0.47 5.57 -14.55
CA ASN A 770 -0.78 6.53 -15.60
C ASN A 770 -0.48 7.96 -15.16
N ILE A 771 -0.69 8.27 -13.88
CA ILE A 771 -0.28 9.57 -13.35
C ILE A 771 1.22 9.73 -13.47
N GLN A 772 1.97 8.68 -13.12
CA GLN A 772 3.42 8.73 -13.25
C GLN A 772 3.84 8.97 -14.69
N LYS A 773 3.19 8.28 -15.63
CA LYS A 773 3.54 8.46 -17.04
C LYS A 773 3.26 9.87 -17.53
N ARG A 774 2.08 10.40 -17.20
CA ARG A 774 1.74 11.76 -17.61
C ARG A 774 2.65 12.79 -16.95
N LEU A 775 3.01 12.57 -15.68
CA LEU A 775 3.94 13.46 -15.00
C LEU A 775 5.31 13.44 -15.66
N ARG A 776 5.79 12.26 -16.06
CA ARG A 776 7.08 12.20 -16.75
C ARG A 776 7.02 12.90 -18.09
N LYS A 777 5.89 12.77 -18.80
CA LYS A 777 5.75 13.47 -20.07
C LYS A 777 5.70 14.99 -19.88
N THR A 778 5.03 15.44 -18.82
CA THR A 778 4.83 16.87 -18.62
C THR A 778 6.10 17.56 -18.12
N TYR A 779 6.86 16.89 -17.25
CA TYR A 779 8.10 17.43 -16.69
C TYR A 779 9.22 16.43 -16.90
N PRO A 780 9.68 16.28 -18.14
CA PRO A 780 10.75 15.31 -18.42
C PRO A 780 12.07 15.65 -17.74
N THR A 781 12.28 16.90 -17.36
CA THR A 781 13.54 17.32 -16.74
C THR A 781 13.50 17.27 -15.22
N ALA A 782 12.41 16.83 -14.63
CA ALA A 782 12.34 16.71 -13.19
C ALA A 782 13.05 15.46 -12.69
N PRO A 783 13.54 15.46 -11.46
CA PRO A 783 14.10 14.24 -10.87
C PRO A 783 13.00 13.25 -10.52
N LEU A 784 13.28 11.96 -10.74
CA LEU A 784 12.30 10.92 -10.49
C LEU A 784 11.91 10.84 -9.01
N SER A 785 12.83 11.12 -8.12
CA SER A 785 12.54 11.10 -6.69
C SER A 785 13.42 12.14 -6.00
N HIS A 786 13.27 12.22 -4.68
CA HIS A 786 14.13 13.07 -3.87
C HIS A 786 15.50 12.46 -3.63
N GLN A 787 15.68 11.18 -3.97
CA GLN A 787 16.99 10.54 -3.92
C GLN A 787 17.68 10.50 -5.27
N HIS A 788 17.03 10.98 -6.34
CA HIS A 788 17.66 10.99 -7.65
C HIS A 788 18.59 12.20 -7.82
N THR A 789 18.34 13.29 -7.10
CA THR A 789 19.17 14.48 -7.22
C THR A 789 20.58 14.23 -6.70
N LEU A 803 13.00 21.52 -8.67
CA LEU A 803 11.93 20.54 -8.52
C LEU A 803 10.66 20.98 -9.24
N ARG A 804 10.32 20.25 -10.30
CA ARG A 804 9.14 20.55 -11.10
C ARG A 804 8.22 19.34 -11.12
N GLY A 805 6.93 19.58 -10.94
CA GLY A 805 5.98 18.49 -10.94
C GLY A 805 5.67 17.96 -9.57
N ALA A 806 5.29 16.68 -9.48
CA ALA A 806 4.87 16.05 -8.25
C ALA A 806 5.81 14.89 -7.93
N PHE A 807 5.69 14.34 -6.71
CA PHE A 807 6.69 13.39 -6.23
C PHE A 807 6.16 12.11 -5.61
N PHE A 808 4.86 11.97 -5.36
CA PHE A 808 4.28 10.70 -4.90
C PHE A 808 4.92 10.25 -3.58
N VAL A 809 4.57 10.98 -2.53
CA VAL A 809 5.11 10.68 -1.21
C VAL A 809 4.30 9.65 -0.43
N LEU A 810 3.04 9.42 -0.80
CA LEU A 810 2.21 8.51 -0.01
C LEU A 810 1.08 7.93 -0.86
N GLN A 811 0.70 6.70 -0.49
CA GLN A 811 -0.38 5.97 -1.14
C GLN A 811 -1.31 5.47 -0.04
N LEU A 812 -2.61 5.70 -0.20
CA LEU A 812 -3.59 5.48 0.86
C LEU A 812 -4.75 4.59 0.39
N HIS A 813 -4.43 3.59 -0.42
CA HIS A 813 -5.30 2.53 -0.94
C HIS A 813 -6.29 3.01 -1.99
N ASP A 814 -6.63 4.29 -1.98
CA ASP A 814 -7.34 4.90 -3.09
C ASP A 814 -6.95 6.36 -3.26
N GLU A 815 -6.01 6.84 -2.44
CA GLU A 815 -5.60 8.23 -2.43
C GLU A 815 -4.11 8.30 -2.72
N LEU A 816 -3.73 9.23 -3.57
CA LEU A 816 -2.34 9.42 -3.96
C LEU A 816 -1.90 10.80 -3.53
N ILE A 817 -0.88 10.86 -2.67
CA ILE A 817 -0.33 12.10 -2.15
C ILE A 817 0.88 12.43 -3.00
N TYR A 818 1.06 13.69 -3.38
CA TYR A 818 2.11 13.92 -4.36
C TYR A 818 3.20 14.94 -4.02
N GLU A 819 2.91 15.97 -3.23
CA GLU A 819 3.94 16.94 -2.84
C GLU A 819 4.53 17.65 -4.06
N THR A 820 3.71 18.51 -4.66
CA THR A 820 4.11 19.26 -5.85
C THR A 820 4.60 20.66 -5.50
N ARG A 821 5.21 21.30 -6.50
CA ARG A 821 5.61 22.69 -6.41
C ARG A 821 4.39 23.61 -6.47
N GLU A 822 4.51 24.81 -5.90
CA GLU A 822 3.39 25.75 -5.90
C GLU A 822 3.02 26.17 -7.32
N GLU A 823 4.02 26.43 -8.16
CA GLU A 823 3.73 26.88 -9.52
C GLU A 823 3.16 25.76 -10.38
N ASP A 824 3.54 24.51 -10.11
CA ASP A 824 3.07 23.37 -10.86
C ASP A 824 1.84 22.72 -10.24
N LEU A 825 1.34 23.27 -9.13
CA LEU A 825 0.17 22.70 -8.46
C LEU A 825 -1.02 22.54 -9.40
N ILE A 826 -1.34 23.57 -10.18
CA ILE A 826 -2.52 23.54 -11.04
C ILE A 826 -2.38 22.46 -12.10
N GLN A 827 -1.26 22.46 -12.80
CA GLN A 827 -1.05 21.48 -13.87
C GLN A 827 -1.01 20.06 -13.30
N VAL A 828 -0.37 19.88 -12.15
CA VAL A 828 -0.29 18.56 -11.54
C VAL A 828 -1.68 18.07 -11.13
N ALA A 829 -2.49 18.97 -10.56
CA ALA A 829 -3.84 18.58 -10.18
C ALA A 829 -4.68 18.19 -11.39
N GLN A 830 -4.57 18.97 -12.48
CA GLN A 830 -5.28 18.61 -13.70
C GLN A 830 -4.85 17.25 -14.22
N ILE A 831 -3.54 17.01 -14.27
CA ILE A 831 -3.01 15.73 -14.74
C ILE A 831 -3.54 14.58 -13.88
N VAL A 832 -3.44 14.75 -12.56
CA VAL A 832 -3.80 13.68 -11.64
C VAL A 832 -5.29 13.37 -11.75
N LYS A 833 -6.12 14.42 -11.81
CA LYS A 833 -7.56 14.21 -11.93
C LYS A 833 -7.91 13.49 -13.22
N ARG A 834 -7.33 13.94 -14.34
CA ARG A 834 -7.63 13.31 -15.63
C ARG A 834 -7.23 11.84 -15.62
N GLU A 835 -6.04 11.54 -15.11
CA GLU A 835 -5.56 10.16 -15.14
C GLU A 835 -6.37 9.27 -14.20
N MET A 836 -6.73 9.78 -13.02
CA MET A 836 -7.53 8.96 -12.11
C MET A 836 -8.93 8.72 -12.67
N GLU A 837 -9.49 9.70 -13.37
CA GLU A 837 -10.82 9.51 -13.93
C GLU A 837 -10.81 8.67 -15.20
N SER A 838 -9.69 8.60 -15.90
CA SER A 838 -9.60 7.80 -17.12
C SER A 838 -8.85 6.49 -16.95
N ALA A 839 -8.46 6.13 -15.72
CA ALA A 839 -7.78 4.86 -15.49
C ALA A 839 -8.51 3.68 -16.13
N VAL A 840 -9.82 3.57 -15.88
CA VAL A 840 -10.61 2.47 -16.41
C VAL A 840 -11.92 3.03 -16.95
N LYS A 841 -12.39 2.46 -18.05
CA LYS A 841 -13.65 2.84 -18.67
C LYS A 841 -14.72 1.87 -18.19
N LEU A 842 -15.31 2.16 -17.05
CA LEU A 842 -16.37 1.34 -16.49
C LEU A 842 -17.72 1.88 -16.94
N TYR A 843 -18.80 1.21 -16.52
CA TYR A 843 -20.12 1.80 -16.70
C TYR A 843 -20.35 2.97 -15.75
N VAL A 844 -19.49 3.15 -14.76
CA VAL A 844 -19.54 4.26 -13.84
C VAL A 844 -18.49 5.28 -14.24
N LYS A 845 -18.69 6.51 -13.79
CA LYS A 845 -17.62 7.50 -13.80
C LYS A 845 -16.79 7.37 -12.54
N LEU A 846 -15.49 7.64 -12.67
CA LEU A 846 -14.55 7.57 -11.55
C LEU A 846 -14.14 8.99 -11.17
N LYS A 847 -14.92 9.59 -10.29
CA LYS A 847 -14.64 10.96 -9.85
C LYS A 847 -13.53 10.97 -8.81
N ALA A 848 -12.60 11.92 -8.97
CA ALA A 848 -11.50 12.10 -8.05
C ALA A 848 -11.60 13.48 -7.40
N LYS A 849 -11.43 13.52 -6.08
CA LYS A 849 -11.41 14.75 -5.31
C LYS A 849 -9.97 15.15 -5.05
N VAL A 850 -9.56 16.31 -5.56
CA VAL A 850 -8.19 16.79 -5.45
C VAL A 850 -8.14 17.89 -4.40
N LYS A 851 -7.23 17.75 -3.44
CA LYS A 851 -7.07 18.69 -2.34
C LYS A 851 -5.62 19.15 -2.30
N VAL A 852 -5.42 20.41 -1.97
CA VAL A 852 -4.08 20.99 -1.91
C VAL A 852 -3.89 21.62 -0.54
N GLY A 853 -2.64 21.75 -0.14
CA GLY A 853 -2.35 22.35 1.14
C GLY A 853 -0.89 22.55 1.47
N PRO A 854 -0.61 23.37 2.49
CA PRO A 854 0.76 23.47 2.99
C PRO A 854 1.20 22.26 3.79
N SER A 855 0.27 21.36 4.10
CA SER A 855 0.57 20.17 4.89
C SER A 855 -0.45 19.09 4.57
N TRP A 856 -0.09 17.85 4.92
CA TRP A 856 -1.05 16.75 4.81
C TRP A 856 -2.25 16.98 5.74
N GLY A 857 -2.00 17.54 6.92
CA GLY A 857 -3.08 17.83 7.84
C GLY A 857 -3.85 19.11 7.56
N ASN A 858 -3.41 19.91 6.59
CA ASN A 858 -4.06 21.15 6.21
C ASN A 858 -4.24 21.13 4.70
N LEU A 859 -5.32 20.50 4.24
CA LEU A 859 -5.62 20.39 2.82
C LEU A 859 -6.99 21.01 2.54
N GLN A 860 -7.06 21.84 1.51
CA GLN A 860 -8.32 22.42 1.06
C GLN A 860 -8.66 21.86 -0.31
N ASP A 861 -9.95 21.71 -0.55
CA ASP A 861 -10.42 21.20 -1.84
C ASP A 861 -10.01 22.14 -2.96
N LEU A 862 -9.39 21.57 -3.99
CA LEU A 862 -9.04 22.33 -5.19
C LEU A 862 -10.09 21.99 -6.25
N ASP A 863 -11.20 22.72 -6.21
CA ASP A 863 -12.27 22.52 -7.18
C ASP A 863 -11.76 22.81 -8.57
N LEU A 864 -11.78 21.80 -9.44
CA LEU A 864 -11.09 21.89 -10.71
C LEU A 864 -11.86 21.19 -11.82
P 2DA C 19 -8.53 7.04 6.62
OP1 2DA C 19 -8.16 8.45 6.27
OP2 2DA C 19 -9.80 7.03 7.42
O5' 2DA C 19 -8.76 6.16 5.24
C5' 2DA C 19 -7.65 5.77 4.47
C4' 2DA C 19 -7.96 4.45 3.78
O4' 2DA C 19 -7.88 3.22 4.83
C3' 2DA C 19 -9.16 4.44 3.33
C2' 2DA C 19 -9.49 2.95 3.27
C1' 2DA C 19 -8.67 2.31 4.40
N9 2DA C 19 -9.58 1.86 5.50
C8 2DA C 19 -9.86 2.68 6.50
N7 2DA C 19 -10.69 2.01 7.31
C5 2DA C 19 -10.90 0.80 6.77
C6 2DA C 19 -11.66 -0.27 7.20
N6 2DA C 19 -12.50 -0.47 8.35
N1 2DA C 19 -11.68 -1.37 6.47
C2 2DA C 19 -10.98 -1.46 5.32
N3 2DA C 19 -10.24 -0.42 4.91
C4 2DA C 19 -10.20 0.70 5.65
PG DGT D . -15.15 8.57 -0.08
O1G DGT D . -13.76 8.68 -0.58
O2G DGT D . -16.10 8.94 -1.02
O3G DGT D . -15.26 9.10 1.20
O3B DGT D . -15.32 7.04 0.08
PB DGT D . -14.68 5.64 -0.31
O1B DGT D . -15.68 4.73 -0.29
O2B DGT D . -13.78 5.65 -1.35
O3A DGT D . -13.84 5.35 0.97
PA DGT D . -12.40 5.50 1.53
O1A DGT D . -12.72 5.61 2.89
O2A DGT D . -11.68 6.65 1.14
O5' DGT D . -11.58 4.19 1.22
C5' DGT D . -11.46 3.53 -0.04
C4' DGT D . -12.10 2.17 0.01
O4' DGT D . -11.64 1.52 1.20
C3' DGT D . -13.61 2.05 0.10
O3' DGT D . -14.21 2.20 -1.18
C2' DGT D . -13.77 0.67 0.69
C1' DGT D . -12.53 0.48 1.55
N9 DGT D . -12.94 0.67 2.92
C8 DGT D . -13.03 1.84 3.57
N7 DGT D . -13.62 1.73 4.71
C5 DGT D . -14.02 0.42 4.75
C6 DGT D . -14.72 -0.28 5.74
O6 DGT D . -15.21 0.15 6.75
N1 DGT D . -14.98 -1.57 5.37
C2 DGT D . -14.53 -2.17 4.25
N2 DGT D . -14.83 -3.43 4.10
N3 DGT D . -13.81 -1.54 3.35
C4 DGT D . -13.63 -0.25 3.64
MG MG E . -12.27 7.55 -1.51
#